data_5DLE
#
_entry.id   5DLE
#
_cell.length_a   39.950
_cell.length_b   91.740
_cell.length_c   80.670
_cell.angle_alpha   90.000
_cell.angle_beta   101.330
_cell.angle_gamma   90.000
#
_symmetry.space_group_name_H-M   'P 1 21 1'
#
loop_
_entity.id
_entity.type
_entity.pdbx_description
1 polymer 'Pts system, fructose-specific iiabc component'
2 non-polymer IMIDAZOLE
3 non-polymer 'CHLORIDE ION'
4 water water
#
_entity_poly.entity_id   1
_entity_poly.type   'polypeptide(L)'
_entity_poly.pdbx_seq_one_letter_code
;MAHHHHHHTKAEKIVAVTACPVGVAHTYIAAKKIENEAKKQGYSIRVETQGSIGIENALTEEEIKNASVVILAVDKDIDE
KRFEGKRVYKVSTVKAINNTENIIKESFNAPVF
;
_entity_poly.pdbx_strand_id   A,B,C,D
#
loop_
_chem_comp.id
_chem_comp.type
_chem_comp.name
_chem_comp.formula
CL non-polymer 'CHLORIDE ION' 'Cl -1'
IMD non-polymer IMIDAZOLE 'C3 H5 N2 1'
#
# COMPACT_ATOMS: atom_id res chain seq x y z
N LYS A 10 24.70 -0.65 26.83
CA LYS A 10 24.33 -0.52 25.43
C LYS A 10 23.17 -1.46 25.05
N ALA A 11 22.05 -0.88 24.61
CA ALA A 11 20.91 -1.68 24.18
C ALA A 11 21.32 -2.66 23.09
N GLU A 12 20.76 -3.86 23.15
CA GLU A 12 21.05 -4.82 22.11
C GLU A 12 20.55 -4.32 20.76
N LYS A 13 21.14 -4.85 19.71
CA LYS A 13 20.88 -4.38 18.34
C LYS A 13 20.12 -5.44 17.56
N ILE A 14 19.10 -5.00 16.84
CA ILE A 14 18.38 -5.85 15.89
C ILE A 14 18.70 -5.32 14.50
N VAL A 15 18.91 -6.21 13.52
CA VAL A 15 18.85 -5.77 12.13
C VAL A 15 17.71 -6.51 11.45
N ALA A 16 17.13 -5.87 10.44
CA ALA A 16 16.04 -6.51 9.73
C ALA A 16 16.13 -6.21 8.25
N VAL A 17 15.52 -7.09 7.42
CA VAL A 17 15.28 -6.78 6.01
C VAL A 17 13.80 -6.95 5.79
N THR A 18 13.17 -5.97 5.12
CA THR A 18 11.79 -6.17 4.70
C THR A 18 11.77 -6.13 3.18
N ALA A 19 11.01 -7.05 2.59
CA ALA A 19 11.05 -7.16 1.13
C ALA A 19 9.73 -7.70 0.65
N CYS A 20 8.95 -6.86 -0.03
CA CYS A 20 7.71 -7.31 -0.70
C CYS A 20 7.77 -6.75 -2.10
N PRO A 21 7.63 -7.60 -3.13
CA PRO A 21 7.78 -7.09 -4.51
C PRO A 21 6.47 -6.59 -5.11
N VAL A 22 5.56 -6.08 -4.30
CA VAL A 22 4.36 -5.40 -4.75
C VAL A 22 4.47 -3.97 -4.25
N GLY A 23 4.63 -3.02 -5.17
CA GLY A 23 4.69 -1.61 -4.77
C GLY A 23 5.71 -1.39 -3.66
N VAL A 24 5.32 -0.52 -2.72
CA VAL A 24 6.18 -0.19 -1.56
C VAL A 24 5.48 -0.37 -0.23
N ALA A 25 4.16 -0.60 -0.20
CA ALA A 25 3.43 -0.48 1.06
C ALA A 25 3.86 -1.56 2.07
N HIS A 26 3.77 -2.85 1.71
CA HIS A 26 4.14 -3.86 2.71
C HIS A 26 5.59 -3.72 3.15
N THR A 27 6.49 -3.40 2.22
CA THR A 27 7.90 -3.22 2.59
C THR A 27 8.03 -2.16 3.68
N TYR A 28 7.37 -1.02 3.48
CA TYR A 28 7.54 0.09 4.41
C TYR A 28 6.69 -0.08 5.65
N ILE A 29 5.48 -0.66 5.52
CA ILE A 29 4.70 -0.87 6.74
C ILE A 29 5.44 -1.85 7.66
N ALA A 30 5.92 -2.98 7.10
CA ALA A 30 6.65 -3.93 7.93
C ALA A 30 7.86 -3.27 8.57
N ALA A 31 8.56 -2.42 7.80
CA ALA A 31 9.77 -1.80 8.36
C ALA A 31 9.44 -0.88 9.51
N LYS A 32 8.41 -0.04 9.31
CA LYS A 32 8.09 0.96 10.32
C LYS A 32 7.49 0.29 11.54
N LYS A 33 6.67 -0.75 11.37
CA LYS A 33 6.15 -1.43 12.55
CA LYS A 33 6.15 -1.41 12.56
C LYS A 33 7.25 -2.13 13.31
N ILE A 34 8.20 -2.74 12.59
CA ILE A 34 9.33 -3.39 13.29
C ILE A 34 10.15 -2.34 14.04
N GLU A 35 10.43 -1.21 13.39
CA GLU A 35 11.19 -0.13 14.06
C GLU A 35 10.46 0.36 15.30
N ASN A 36 9.14 0.60 15.21
CA ASN A 36 8.42 1.13 16.38
C ASN A 36 8.40 0.11 17.51
N GLU A 37 8.17 -1.16 17.20
CA GLU A 37 8.07 -2.17 18.26
C GLU A 37 9.43 -2.47 18.87
N ALA A 38 10.48 -2.50 18.06
CA ALA A 38 11.83 -2.68 18.58
C ALA A 38 12.15 -1.59 19.59
N LYS A 39 11.85 -0.35 19.23
CA LYS A 39 12.17 0.77 20.13
C LYS A 39 11.31 0.70 21.38
N LYS A 40 10.04 0.30 21.25
CA LYS A 40 9.20 0.13 22.44
C LYS A 40 9.80 -0.89 23.39
N GLN A 41 10.35 -1.99 22.87
CA GLN A 41 10.98 -3.02 23.68
C GLN A 41 12.41 -2.67 24.12
N GLY A 42 12.95 -1.53 23.71
CA GLY A 42 14.25 -1.09 24.18
C GLY A 42 15.45 -1.41 23.31
N TYR A 43 15.23 -1.83 22.06
CA TYR A 43 16.31 -2.27 21.20
C TYR A 43 16.66 -1.18 20.21
N SER A 44 17.90 -1.20 19.77
CA SER A 44 18.40 -0.48 18.62
C SER A 44 18.00 -1.26 17.37
N ILE A 45 17.67 -0.56 16.27
CA ILE A 45 17.17 -1.27 15.09
C ILE A 45 17.69 -0.59 13.83
N ARG A 46 18.14 -1.39 12.84
CA ARG A 46 18.42 -0.91 11.48
C ARG A 46 17.65 -1.81 10.53
N VAL A 47 16.93 -1.21 9.56
CA VAL A 47 16.14 -1.96 8.58
C VAL A 47 16.58 -1.62 7.16
N GLU A 48 16.90 -2.64 6.38
CA GLU A 48 17.07 -2.57 4.94
C GLU A 48 15.73 -2.86 4.28
N THR A 49 15.38 -2.09 3.26
CA THR A 49 14.13 -2.31 2.56
C THR A 49 14.37 -2.70 1.11
N GLN A 50 13.50 -3.57 0.59
CA GLN A 50 13.51 -3.96 -0.82
C GLN A 50 12.09 -4.00 -1.38
N GLY A 51 11.96 -3.49 -2.61
N GLY A 51 11.81 -3.17 -2.37
CA GLY A 51 10.78 -3.70 -3.44
CA GLY A 51 10.43 -3.09 -2.80
C GLY A 51 11.07 -4.38 -4.76
C GLY A 51 10.39 -3.06 -4.31
N SER A 52 10.21 -4.13 -5.76
N SER A 52 9.43 -2.33 -4.87
CA SER A 52 10.49 -4.60 -7.11
CA SER A 52 9.45 -2.10 -6.30
C SER A 52 11.55 -3.77 -7.81
C SER A 52 10.54 -1.12 -6.70
N ILE A 53 11.72 -2.51 -7.42
N ILE A 53 11.09 -0.35 -5.75
CA ILE A 53 12.67 -1.64 -8.11
CA ILE A 53 12.00 0.75 -6.08
C ILE A 53 14.08 -1.85 -7.60
C ILE A 53 13.47 0.37 -6.00
N GLY A 54 14.24 -1.89 -6.27
N GLY A 54 13.80 -0.89 -5.69
CA GLY A 54 15.57 -2.01 -5.71
CA GLY A 54 15.17 -1.29 -5.47
C GLY A 54 15.57 -2.06 -4.21
C GLY A 54 15.43 -1.61 -4.02
N ILE A 55 16.72 -1.67 -3.67
CA ILE A 55 17.11 -1.90 -2.28
C ILE A 55 17.58 -0.58 -1.69
N GLU A 56 17.08 -0.24 -0.51
CA GLU A 56 17.43 1.02 0.16
C GLU A 56 18.00 0.70 1.53
N ASN A 57 19.01 1.46 1.93
CA ASN A 57 19.57 1.42 3.31
C ASN A 57 20.02 0.02 3.66
N ALA A 58 20.79 -0.57 2.74
CA ALA A 58 21.28 -1.94 2.91
C ALA A 58 22.07 -2.09 4.20
N LEU A 59 21.88 -3.22 4.86
CA LEU A 59 22.66 -3.55 6.05
C LEU A 59 24.13 -3.60 5.67
N THR A 60 24.97 -3.09 6.57
CA THR A 60 26.40 -3.25 6.38
C THR A 60 26.89 -4.51 7.07
N GLU A 61 28.08 -4.96 6.64
CA GLU A 61 28.71 -6.08 7.31
CA GLU A 61 28.72 -6.08 7.30
C GLU A 61 28.86 -5.82 8.80
N GLU A 62 29.27 -4.60 9.18
CA GLU A 62 29.44 -4.32 10.60
C GLU A 62 28.10 -4.36 11.35
N GLU A 63 27.04 -3.84 10.74
CA GLU A 63 25.73 -3.89 11.38
C GLU A 63 25.29 -5.33 11.62
N ILE A 64 25.51 -6.21 10.64
CA ILE A 64 25.12 -7.59 10.85
C ILE A 64 26.00 -8.24 11.92
N LYS A 65 27.30 -7.95 11.90
CA LYS A 65 28.21 -8.46 12.93
C LYS A 65 27.74 -8.11 14.33
N ASN A 66 27.30 -6.86 14.55
CA ASN A 66 26.97 -6.40 15.90
C ASN A 66 25.58 -6.80 16.35
N ALA A 67 24.73 -7.30 15.46
CA ALA A 67 23.33 -7.56 15.79
C ALA A 67 23.20 -8.78 16.71
N SER A 68 22.21 -8.71 17.60
CA SER A 68 21.86 -9.87 18.40
C SER A 68 21.02 -10.85 17.59
N VAL A 69 20.18 -10.31 16.72
CA VAL A 69 19.24 -11.11 15.94
CA VAL A 69 19.27 -11.12 15.92
C VAL A 69 19.07 -10.45 14.58
N VAL A 70 18.70 -11.27 13.58
CA VAL A 70 18.29 -10.80 12.25
C VAL A 70 16.82 -11.17 12.04
N ILE A 71 15.99 -10.20 11.66
CA ILE A 71 14.59 -10.46 11.35
C ILE A 71 14.38 -10.22 9.86
N LEU A 72 13.91 -11.24 9.15
CA LEU A 72 13.65 -11.11 7.72
C LEU A 72 12.16 -11.16 7.53
N ALA A 73 11.58 -10.07 7.05
CA ALA A 73 10.14 -10.04 6.80
C ALA A 73 10.02 -9.92 5.27
N VAL A 74 9.91 -11.08 4.59
CA VAL A 74 10.16 -11.12 3.15
C VAL A 74 9.10 -11.97 2.49
N ASP A 75 8.71 -11.51 1.29
CA ASP A 75 7.82 -12.26 0.42
C ASP A 75 8.49 -12.57 -0.89
N LYS A 76 9.82 -12.61 -0.91
CA LYS A 76 10.63 -13.00 -2.05
C LYS A 76 11.95 -13.49 -1.47
N ASP A 77 12.69 -14.26 -2.27
CA ASP A 77 14.00 -14.71 -1.82
C ASP A 77 14.97 -13.54 -1.84
N ILE A 78 15.80 -13.43 -0.78
CA ILE A 78 16.84 -12.42 -0.71
C ILE A 78 18.15 -13.14 -0.44
N ASP A 79 19.27 -12.41 -0.49
CA ASP A 79 20.53 -13.07 -0.16
C ASP A 79 20.62 -13.24 1.34
N GLU A 80 20.81 -14.50 1.76
CA GLU A 80 20.88 -14.84 3.17
C GLU A 80 22.27 -15.31 3.62
N LYS A 81 23.22 -15.57 2.70
CA LYS A 81 24.54 -16.04 3.13
C LYS A 81 25.19 -15.07 4.10
N ARG A 82 24.95 -13.76 3.91
CA ARG A 82 25.48 -12.74 4.80
C ARG A 82 25.02 -12.88 6.24
N PHE A 83 24.01 -13.67 6.53
CA PHE A 83 23.53 -13.84 7.90
C PHE A 83 23.98 -15.14 8.55
N GLU A 84 24.86 -15.90 7.90
CA GLU A 84 25.39 -17.12 8.52
C GLU A 84 25.97 -16.82 9.90
N GLY A 85 25.65 -17.70 10.86
CA GLY A 85 26.19 -17.56 12.21
C GLY A 85 25.34 -16.68 13.10
N LYS A 86 24.30 -16.04 12.57
CA LYS A 86 23.38 -15.20 13.32
C LYS A 86 22.07 -15.94 13.56
N ARG A 87 21.40 -15.62 14.65
CA ARG A 87 20.02 -16.05 14.79
C ARG A 87 19.20 -15.30 13.77
N VAL A 88 18.42 -16.03 12.97
CA VAL A 88 17.62 -15.42 11.90
C VAL A 88 16.18 -15.88 12.07
N TYR A 89 15.25 -14.92 12.15
CA TYR A 89 13.83 -15.19 12.26
C TYR A 89 13.21 -14.70 10.97
N LYS A 90 12.77 -15.64 10.13
CA LYS A 90 12.20 -15.30 8.83
C LYS A 90 10.69 -15.52 8.83
N VAL A 91 9.95 -14.46 8.43
CA VAL A 91 8.50 -14.44 8.39
C VAL A 91 8.08 -13.70 7.13
N SER A 92 6.80 -13.82 6.83
CA SER A 92 6.22 -13.06 5.73
C SER A 92 6.04 -11.61 6.15
N THR A 93 5.81 -10.72 5.17
CA THR A 93 5.46 -9.36 5.58
C THR A 93 4.13 -9.28 6.30
N VAL A 94 3.13 -10.09 5.90
CA VAL A 94 1.85 -10.10 6.60
C VAL A 94 2.05 -10.44 8.07
N LYS A 95 2.85 -11.46 8.38
CA LYS A 95 3.03 -11.84 9.77
C LYS A 95 3.79 -10.77 10.53
N ALA A 96 4.81 -10.18 9.89
CA ALA A 96 5.57 -9.12 10.56
C ALA A 96 4.69 -7.91 10.85
N ILE A 97 3.75 -7.63 9.96
CA ILE A 97 2.87 -6.47 10.16
C ILE A 97 1.81 -6.75 11.21
N ASN A 98 1.25 -7.95 11.22
CA ASN A 98 0.12 -8.22 12.10
C ASN A 98 0.51 -8.85 13.43
N ASN A 99 1.76 -9.28 13.59
CA ASN A 99 2.19 -9.98 14.79
CA ASN A 99 2.18 -9.97 14.80
C ASN A 99 3.49 -9.41 15.32
N THR A 100 3.67 -8.08 15.22
CA THR A 100 5.01 -7.51 15.35
C THR A 100 5.59 -7.70 16.76
N GLU A 101 4.78 -7.48 17.80
CA GLU A 101 5.26 -7.62 19.17
C GLU A 101 5.80 -9.01 19.41
N ASN A 102 5.01 -10.02 19.04
CA ASN A 102 5.42 -11.39 19.25
C ASN A 102 6.64 -11.74 18.41
N ILE A 103 6.70 -11.24 17.16
CA ILE A 103 7.84 -11.58 16.32
CA ILE A 103 7.84 -11.57 16.30
C ILE A 103 9.14 -11.04 16.89
N ILE A 104 9.13 -9.80 17.39
CA ILE A 104 10.34 -9.23 18.00
CA ILE A 104 10.39 -9.29 17.93
C ILE A 104 10.79 -10.11 19.14
N LYS A 105 9.83 -10.49 19.99
CA LYS A 105 10.20 -11.28 21.19
C LYS A 105 10.71 -12.65 20.80
N GLU A 106 10.02 -13.31 19.85
CA GLU A 106 10.38 -14.65 19.41
C GLU A 106 11.72 -14.68 18.69
N SER A 107 12.15 -13.55 18.11
CA SER A 107 13.36 -13.59 17.29
C SER A 107 14.59 -13.95 18.12
N PHE A 108 14.58 -13.63 19.41
CA PHE A 108 15.75 -13.91 20.23
C PHE A 108 15.91 -15.39 20.52
N ASN A 109 14.89 -16.20 20.23
CA ASN A 109 14.99 -17.65 20.34
C ASN A 109 15.11 -18.33 18.99
N ALA A 110 15.25 -17.55 17.91
CA ALA A 110 15.28 -18.10 16.57
C ALA A 110 16.54 -18.93 16.36
N PRO A 111 16.50 -19.91 15.47
CA PRO A 111 17.67 -20.76 15.24
CA PRO A 111 17.68 -20.76 15.26
C PRO A 111 18.82 -20.01 14.60
N VAL A 112 20.04 -20.43 14.94
CA VAL A 112 21.22 -19.88 14.28
C VAL A 112 21.29 -20.39 12.85
N PHE A 113 21.42 -19.46 11.91
CA PHE A 113 21.43 -19.79 10.48
C PHE A 113 22.80 -20.29 10.02
N LYS B 10 -30.27 0.68 -21.26
CA LYS B 10 -28.87 0.45 -20.89
C LYS B 10 -28.43 1.39 -19.77
N ALA B 11 -27.69 0.84 -18.81
CA ALA B 11 -27.15 1.64 -17.71
C ALA B 11 -26.16 2.66 -18.26
N GLU B 12 -26.09 3.81 -17.59
CA GLU B 12 -25.13 4.80 -18.02
C GLU B 12 -23.72 4.33 -17.71
N LYS B 13 -22.77 4.89 -18.43
CA LYS B 13 -21.39 4.48 -18.33
C LYS B 13 -20.57 5.55 -17.65
N ILE B 14 -19.68 5.11 -16.76
CA ILE B 14 -18.69 5.97 -16.12
C ILE B 14 -17.32 5.52 -16.61
N VAL B 15 -16.44 6.47 -16.93
CA VAL B 15 -15.02 6.09 -17.05
C VAL B 15 -14.24 6.82 -15.98
N ALA B 16 -13.16 6.22 -15.54
CA ALA B 16 -12.33 6.83 -14.50
C ALA B 16 -10.86 6.59 -14.79
N VAL B 17 -10.01 7.49 -14.25
CA VAL B 17 -8.56 7.26 -14.16
C VAL B 17 -8.21 7.39 -12.70
N THR B 18 -7.41 6.46 -12.18
CA THR B 18 -6.80 6.64 -10.87
C THR B 18 -5.30 6.72 -11.08
N ALA B 19 -4.66 7.64 -10.35
CA ALA B 19 -3.23 7.84 -10.57
C ALA B 19 -2.60 8.36 -9.29
N CYS B 20 -1.74 7.56 -8.68
CA CYS B 20 -0.97 8.00 -7.54
C CYS B 20 0.46 7.58 -7.82
N PRO B 21 1.44 8.48 -7.63
CA PRO B 21 2.84 8.18 -7.98
C PRO B 21 3.60 7.57 -6.80
N VAL B 22 2.90 6.96 -5.84
CA VAL B 22 3.53 6.17 -4.78
C VAL B 22 3.06 4.74 -4.96
N GLY B 23 3.99 3.84 -5.29
CA GLY B 23 3.68 2.42 -5.41
C GLY B 23 2.43 2.18 -6.24
N VAL B 24 1.61 1.24 -5.76
CA VAL B 24 0.38 0.85 -6.44
C VAL B 24 -0.86 0.90 -5.56
N ALA B 25 -0.74 1.07 -4.24
CA ALA B 25 -1.88 0.86 -3.36
C ALA B 25 -2.99 1.88 -3.59
N HIS B 26 -2.70 3.18 -3.48
CA HIS B 26 -3.80 4.15 -3.69
C HIS B 26 -4.40 4.01 -5.09
N THR B 27 -3.56 3.80 -6.12
CA THR B 27 -4.10 3.64 -7.47
C THR B 27 -5.13 2.52 -7.51
N TYR B 28 -4.78 1.37 -6.94
CA TYR B 28 -5.68 0.22 -7.06
C TYR B 28 -6.82 0.29 -6.05
N ILE B 29 -6.56 0.81 -4.81
CA ILE B 29 -7.68 0.92 -3.87
C ILE B 29 -8.73 1.89 -4.44
N ALA B 30 -8.31 3.05 -4.94
CA ALA B 30 -9.26 3.97 -5.53
C ALA B 30 -10.01 3.31 -6.67
N ALA B 31 -9.29 2.57 -7.52
CA ALA B 31 -9.96 1.93 -8.68
C ALA B 31 -11.01 0.94 -8.23
N LYS B 32 -10.64 0.08 -7.29
CA LYS B 32 -11.56 -0.97 -6.88
C LYS B 32 -12.75 -0.41 -6.13
N LYS B 33 -12.51 0.58 -5.26
CA LYS B 33 -13.64 1.20 -4.57
C LYS B 33 -14.58 1.89 -5.55
N ILE B 34 -14.04 2.61 -6.54
CA ILE B 34 -14.89 3.24 -7.56
C ILE B 34 -15.69 2.18 -8.32
N GLU B 35 -15.02 1.09 -8.72
CA GLU B 35 -15.72 0.03 -9.46
C GLU B 35 -16.84 -0.57 -8.64
N ASN B 36 -16.57 -0.89 -7.36
CA ASN B 36 -17.60 -1.50 -6.53
C ASN B 36 -18.77 -0.55 -6.29
N GLU B 37 -18.49 0.72 -6.08
CA GLU B 37 -19.58 1.66 -5.79
C GLU B 37 -20.36 2.00 -7.05
N ALA B 38 -19.68 2.16 -8.20
CA ALA B 38 -20.40 2.35 -9.47
C ALA B 38 -21.37 1.20 -9.71
N LYS B 39 -20.91 -0.04 -9.53
CA LYS B 39 -21.82 -1.17 -9.78
C LYS B 39 -22.96 -1.18 -8.78
N LYS B 40 -22.69 -0.91 -7.51
CA LYS B 40 -23.77 -0.81 -6.52
C LYS B 40 -24.85 0.18 -6.95
N GLN B 41 -24.44 1.34 -7.51
CA GLN B 41 -25.38 2.37 -7.97
C GLN B 41 -25.95 2.08 -9.36
N GLY B 42 -25.63 0.95 -9.96
CA GLY B 42 -26.23 0.56 -11.24
C GLY B 42 -25.49 0.99 -12.49
N TYR B 43 -24.28 1.54 -12.38
CA TYR B 43 -23.56 2.05 -13.54
C TYR B 43 -22.56 1.02 -14.05
N SER B 44 -22.28 1.09 -15.35
CA SER B 44 -21.16 0.42 -15.99
C SER B 44 -19.91 1.25 -15.76
N ILE B 45 -18.74 0.59 -15.59
CA ILE B 45 -17.56 1.35 -15.20
C ILE B 45 -16.32 0.77 -15.88
N ARG B 46 -15.46 1.66 -16.41
CA ARG B 46 -14.13 1.27 -16.87
C ARG B 46 -13.12 2.19 -16.21
N VAL B 47 -12.07 1.59 -15.60
CA VAL B 47 -11.05 2.37 -14.90
C VAL B 47 -9.66 2.12 -15.49
N GLU B 48 -8.96 3.21 -15.85
CA GLU B 48 -7.54 3.18 -16.19
C GLU B 48 -6.72 3.45 -14.93
N THR B 49 -5.65 2.70 -14.71
CA THR B 49 -4.87 2.89 -13.50
C THR B 49 -3.48 3.34 -13.89
N GLN B 50 -2.88 4.20 -13.04
CA GLN B 50 -1.50 4.64 -13.23
C GLN B 50 -0.77 4.56 -11.91
N GLY B 51 0.23 3.71 -11.83
CA GLY B 51 1.01 3.50 -10.59
C GLY B 51 2.42 3.10 -10.97
N SER B 52 3.17 2.59 -9.99
CA SER B 52 4.58 2.35 -10.23
C SER B 52 4.83 1.24 -11.24
N ILE B 53 3.85 0.37 -11.49
CA ILE B 53 4.07 -0.69 -12.47
C ILE B 53 3.78 -0.20 -13.88
N GLY B 54 3.16 0.99 -14.02
CA GLY B 54 2.90 1.58 -15.31
C GLY B 54 1.47 2.03 -15.41
N ILE B 55 1.04 2.29 -16.64
CA ILE B 55 -0.34 2.62 -16.95
C ILE B 55 -0.99 1.36 -17.46
N GLU B 56 -2.12 1.00 -16.87
CA GLU B 56 -2.79 -0.24 -17.23
C GLU B 56 -4.23 0.04 -17.63
N ASN B 57 -4.70 -0.69 -18.66
CA ASN B 57 -6.11 -0.67 -19.05
C ASN B 57 -6.56 0.74 -19.39
N ALA B 58 -5.76 1.40 -20.23
CA ALA B 58 -6.02 2.77 -20.63
C ALA B 58 -7.39 2.91 -21.30
N LEU B 59 -8.05 4.02 -21.00
CA LEU B 59 -9.37 4.27 -21.60
C LEU B 59 -9.21 4.41 -23.09
N THR B 60 -10.18 3.88 -23.82
CA THR B 60 -10.17 4.08 -25.26
C THR B 60 -10.96 5.33 -25.61
N GLU B 61 -10.70 5.82 -26.83
CA GLU B 61 -11.48 6.95 -27.34
CA GLU B 61 -11.49 6.93 -27.36
C GLU B 61 -12.97 6.61 -27.36
N GLU B 62 -13.33 5.36 -27.73
CA GLU B 62 -14.72 5.01 -27.76
C GLU B 62 -15.32 4.97 -26.35
N GLU B 63 -14.53 4.52 -25.35
CA GLU B 63 -15.07 4.49 -23.99
C GLU B 63 -15.35 5.88 -23.48
N ILE B 64 -14.45 6.81 -23.76
CA ILE B 64 -14.64 8.18 -23.33
C ILE B 64 -15.81 8.82 -24.07
N LYS B 65 -15.95 8.55 -25.37
CA LYS B 65 -17.08 9.05 -26.15
C LYS B 65 -18.40 8.65 -25.51
N ASN B 66 -18.52 7.37 -25.16
CA ASN B 66 -19.80 6.85 -24.66
C ASN B 66 -20.06 7.16 -23.20
N ALA B 67 -19.07 7.66 -22.44
CA ALA B 67 -19.29 7.85 -21.00
C ALA B 67 -20.24 9.02 -20.72
N SER B 68 -21.00 8.89 -19.63
CA SER B 68 -21.79 9.99 -19.13
C SER B 68 -20.93 10.98 -18.36
N VAL B 69 -19.94 10.47 -17.62
CA VAL B 69 -19.07 11.28 -16.79
CA VAL B 69 -19.06 11.29 -16.80
C VAL B 69 -17.68 10.66 -16.79
N VAL B 70 -16.68 11.48 -16.48
CA VAL B 70 -15.30 11.06 -16.25
C VAL B 70 -14.98 11.38 -14.81
N ILE B 71 -14.42 10.41 -14.07
CA ILE B 71 -13.96 10.65 -12.70
C ILE B 71 -12.45 10.49 -12.68
N LEU B 72 -11.75 11.51 -12.22
CA LEU B 72 -10.30 11.45 -12.12
C LEU B 72 -9.93 11.47 -10.65
N ALA B 73 -9.34 10.37 -10.16
CA ALA B 73 -8.91 10.30 -8.77
C ALA B 73 -7.39 10.28 -8.87
N VAL B 74 -6.76 11.47 -8.75
CA VAL B 74 -5.37 11.59 -9.17
C VAL B 74 -4.60 12.45 -8.19
N ASP B 75 -3.36 12.04 -7.99
CA ASP B 75 -2.42 12.81 -7.18
C ASP B 75 -1.21 13.24 -8.01
N LYS B 76 -1.31 13.26 -9.32
CA LYS B 76 -0.26 13.66 -10.25
C LYS B 76 -0.95 14.08 -11.52
N ASP B 77 -0.21 14.74 -12.41
CA ASP B 77 -0.78 15.10 -13.71
C ASP B 77 -0.97 13.90 -14.62
N ILE B 78 -2.10 13.91 -15.35
CA ILE B 78 -2.37 12.91 -16.36
C ILE B 78 -2.83 13.61 -17.64
N ASP B 79 -2.93 12.85 -18.73
CA ASP B 79 -3.40 13.47 -19.94
C ASP B 79 -4.90 13.72 -19.78
N GLU B 80 -5.34 14.99 -19.95
CA GLU B 80 -6.76 15.38 -19.80
C GLU B 80 -7.41 15.94 -21.07
N LYS B 81 -6.65 16.33 -22.09
CA LYS B 81 -7.28 16.88 -23.30
C LYS B 81 -8.31 15.92 -23.90
N ARG B 82 -8.05 14.61 -23.75
CA ARG B 82 -8.97 13.57 -24.20
C ARG B 82 -10.34 13.64 -23.57
N PHE B 83 -10.51 14.38 -22.48
CA PHE B 83 -11.80 14.48 -21.81
C PHE B 83 -12.55 15.76 -22.16
N GLU B 84 -12.04 16.56 -23.10
CA GLU B 84 -12.74 17.77 -23.51
C GLU B 84 -14.18 17.45 -23.89
N GLY B 85 -15.11 18.28 -23.42
CA GLY B 85 -16.51 18.09 -23.79
C GLY B 85 -17.29 17.16 -22.87
N LYS B 86 -16.61 16.52 -21.92
CA LYS B 86 -17.21 15.61 -20.96
C LYS B 86 -17.33 16.30 -19.61
N ARG B 87 -18.31 15.88 -18.82
CA ARG B 87 -18.29 16.24 -17.40
C ARG B 87 -17.13 15.52 -16.74
N VAL B 88 -16.25 16.27 -16.05
CA VAL B 88 -15.08 15.68 -15.40
C VAL B 88 -15.11 16.07 -13.94
N TYR B 89 -15.02 15.07 -13.06
CA TYR B 89 -15.00 15.28 -11.62
C TYR B 89 -13.63 14.83 -11.15
N LYS B 90 -12.80 15.79 -10.77
CA LYS B 90 -11.41 15.51 -10.41
C LYS B 90 -11.24 15.66 -8.90
N VAL B 91 -10.72 14.60 -8.27
CA VAL B 91 -10.50 14.56 -6.83
C VAL B 91 -9.17 13.86 -6.56
N SER B 92 -8.70 13.96 -5.31
CA SER B 92 -7.50 13.22 -4.91
C SER B 92 -7.83 11.75 -4.69
N THR B 93 -6.79 10.90 -4.64
CA THR B 93 -7.07 9.50 -4.36
C THR B 93 -7.63 9.33 -2.96
N VAL B 94 -7.12 10.10 -1.98
CA VAL B 94 -7.66 10.03 -0.63
C VAL B 94 -9.16 10.29 -0.63
N LYS B 95 -9.61 11.35 -1.30
CA LYS B 95 -11.04 11.65 -1.30
C LYS B 95 -11.84 10.58 -2.03
N ALA B 96 -11.29 10.06 -3.13
CA ALA B 96 -11.99 9.01 -3.87
C ALA B 96 -12.13 7.75 -3.04
N ILE B 97 -11.12 7.44 -2.24
CA ILE B 97 -11.16 6.23 -1.41
C ILE B 97 -12.09 6.40 -0.22
N ASN B 98 -12.10 7.58 0.41
CA ASN B 98 -12.84 7.76 1.65
C ASN B 98 -14.22 8.38 1.47
N ASN B 99 -14.58 8.77 0.25
CA ASN B 99 -15.86 9.41 0.02
CA ASN B 99 -15.86 9.42 -0.02
C ASN B 99 -16.48 8.87 -1.27
N THR B 100 -16.34 7.56 -1.50
CA THR B 100 -16.58 6.99 -2.83
C THR B 100 -18.03 7.17 -3.26
N GLU B 101 -18.95 6.90 -2.34
CA GLU B 101 -20.37 6.97 -2.67
C GLU B 101 -20.74 8.37 -3.14
N ASN B 102 -20.31 9.39 -2.39
CA ASN B 102 -20.63 10.77 -2.75
C ASN B 102 -19.94 11.20 -4.04
N ILE B 103 -18.71 10.74 -4.28
CA ILE B 103 -17.98 11.13 -5.48
CA ILE B 103 -18.01 11.17 -5.47
C ILE B 103 -18.70 10.64 -6.73
N ILE B 104 -19.21 9.41 -6.69
CA ILE B 104 -19.95 8.86 -7.83
CA ILE B 104 -19.91 8.91 -7.87
C ILE B 104 -21.18 9.71 -8.10
N LYS B 105 -21.93 10.01 -7.03
CA LYS B 105 -23.18 10.77 -7.20
C LYS B 105 -22.90 12.18 -7.69
N GLU B 106 -21.90 12.84 -7.10
CA GLU B 106 -21.59 14.21 -7.45
C GLU B 106 -21.03 14.34 -8.86
N SER B 107 -20.45 13.27 -9.41
CA SER B 107 -19.82 13.40 -10.73
C SER B 107 -20.83 13.76 -11.80
N PHE B 108 -22.07 13.36 -11.64
CA PHE B 108 -23.06 13.66 -12.68
C PHE B 108 -23.44 15.13 -12.72
N ASN B 109 -23.07 15.91 -11.71
CA ASN B 109 -23.26 17.35 -11.74
C ASN B 109 -21.97 18.10 -11.97
N ALA B 110 -20.88 17.39 -12.27
CA ALA B 110 -19.58 18.02 -12.41
C ALA B 110 -19.54 18.88 -13.67
N PRO B 111 -18.68 19.89 -13.70
CA PRO B 111 -18.66 20.79 -14.86
C PRO B 111 -18.09 20.14 -16.10
N VAL B 112 -18.60 20.57 -17.26
CA VAL B 112 -18.07 20.10 -18.53
C VAL B 112 -16.67 20.68 -18.74
N PHE B 113 -15.72 19.80 -19.03
CA PHE B 113 -14.32 20.18 -19.19
C PHE B 113 -14.02 20.81 -20.57
N LYS C 10 -20.56 -20.44 -24.82
CA LYS C 10 -20.42 -19.61 -23.63
C LYS C 10 -19.00 -19.68 -23.06
N ALA C 11 -18.49 -18.53 -22.63
CA ALA C 11 -17.18 -18.49 -22.00
C ALA C 11 -17.21 -19.26 -20.69
N GLU C 12 -16.16 -20.03 -20.46
CA GLU C 12 -16.04 -20.71 -19.17
C GLU C 12 -15.92 -19.68 -18.05
N LYS C 13 -16.28 -20.12 -16.85
CA LYS C 13 -16.38 -19.25 -15.69
C LYS C 13 -15.27 -19.57 -14.71
N ILE C 14 -14.65 -18.52 -14.16
CA ILE C 14 -13.69 -18.65 -13.07
C ILE C 14 -14.29 -17.92 -11.88
N VAL C 15 -14.09 -18.47 -10.69
CA VAL C 15 -14.35 -17.68 -9.50
C VAL C 15 -13.07 -17.62 -8.70
N ALA C 16 -12.95 -16.54 -7.94
CA ALA C 16 -11.77 -16.34 -7.14
C ALA C 16 -12.14 -15.68 -5.82
N VAL C 17 -11.28 -15.89 -4.83
CA VAL C 17 -11.31 -15.14 -3.57
C VAL C 17 -9.94 -14.55 -3.39
N THR C 18 -9.87 -13.27 -3.00
CA THR C 18 -8.59 -12.69 -2.62
C THR C 18 -8.72 -12.26 -1.16
N ALA C 19 -7.69 -12.53 -0.40
CA ALA C 19 -7.76 -12.30 1.05
C ALA C 19 -6.37 -12.05 1.56
N CYS C 20 -6.02 -10.78 1.73
CA CYS C 20 -4.81 -10.43 2.47
C CYS C 20 -5.24 -9.66 3.70
N PRO C 21 -4.84 -10.06 4.93
CA PRO C 21 -5.33 -9.40 6.15
C PRO C 21 -4.53 -8.18 6.56
N VAL C 22 -3.90 -7.49 5.60
CA VAL C 22 -3.26 -6.21 5.81
C VAL C 22 -4.08 -5.20 5.04
N GLY C 23 -4.90 -4.43 5.73
CA GLY C 23 -5.70 -3.42 5.06
C GLY C 23 -6.53 -4.02 3.95
N VAL C 24 -6.61 -3.28 2.85
CA VAL C 24 -7.33 -3.70 1.64
C VAL C 24 -6.47 -3.73 0.40
N ALA C 25 -5.23 -3.24 0.44
CA ALA C 25 -4.48 -3.03 -0.79
C ALA C 25 -4.22 -4.34 -1.55
N HIS C 26 -3.51 -5.30 -0.94
CA HIS C 26 -3.22 -6.54 -1.68
C HIS C 26 -4.50 -7.26 -2.09
N THR C 27 -5.52 -7.27 -1.21
CA THR C 27 -6.81 -7.87 -1.61
C THR C 27 -7.33 -7.25 -2.89
N TYR C 28 -7.33 -5.93 -2.99
CA TYR C 28 -7.91 -5.26 -4.16
C TYR C 28 -6.99 -5.32 -5.37
N ILE C 29 -5.65 -5.23 -5.18
CA ILE C 29 -4.72 -5.33 -6.30
C ILE C 29 -4.83 -6.73 -6.92
N ALA C 30 -4.83 -7.77 -6.09
CA ALA C 30 -4.95 -9.12 -6.64
C ALA C 30 -6.29 -9.30 -7.33
N ALA C 31 -7.37 -8.76 -6.73
CA ALA C 31 -8.68 -8.91 -7.37
C ALA C 31 -8.69 -8.26 -8.75
N LYS C 32 -8.17 -7.04 -8.85
CA LYS C 32 -8.21 -6.36 -10.16
C LYS C 32 -7.29 -7.05 -11.15
N LYS C 33 -6.14 -7.56 -10.72
CA LYS C 33 -5.24 -8.25 -11.64
C LYS C 33 -5.89 -9.51 -12.16
N ILE C 34 -6.53 -10.27 -11.26
CA ILE C 34 -7.19 -11.52 -11.69
C ILE C 34 -8.35 -11.20 -12.61
N GLU C 35 -9.14 -10.18 -12.28
CA GLU C 35 -10.31 -9.83 -13.11
C GLU C 35 -9.87 -9.44 -14.51
N ASN C 36 -8.84 -8.60 -14.62
CA ASN C 36 -8.44 -8.12 -15.93
C ASN C 36 -7.78 -9.24 -16.74
N GLU C 37 -6.95 -10.06 -16.10
CA GLU C 37 -6.30 -11.14 -16.84
C GLU C 37 -7.29 -12.24 -17.23
N ALA C 38 -8.23 -12.58 -16.36
CA ALA C 38 -9.24 -13.58 -16.75
C ALA C 38 -10.01 -13.11 -17.97
N LYS C 39 -10.40 -11.82 -17.98
CA LYS C 39 -11.13 -11.26 -19.12
C LYS C 39 -10.26 -11.24 -20.37
N LYS C 40 -8.98 -10.90 -20.21
CA LYS C 40 -8.07 -10.93 -21.35
C LYS C 40 -7.99 -12.32 -21.97
N GLN C 41 -8.02 -13.37 -21.15
CA GLN C 41 -7.96 -14.72 -21.69
C GLN C 41 -9.32 -15.25 -22.13
N GLY C 42 -10.36 -14.43 -22.08
CA GLY C 42 -11.68 -14.82 -22.57
C GLY C 42 -12.59 -15.49 -21.57
N TYR C 43 -12.27 -15.43 -20.27
CA TYR C 43 -13.12 -16.08 -19.28
C TYR C 43 -14.08 -15.08 -18.65
N SER C 44 -15.18 -15.60 -18.15
CA SER C 44 -16.06 -14.88 -17.25
C SER C 44 -15.49 -15.01 -15.83
N ILE C 45 -15.54 -13.95 -15.03
CA ILE C 45 -14.82 -13.95 -13.76
C ILE C 45 -15.67 -13.27 -12.67
N ARG C 46 -15.73 -13.91 -11.49
CA ARG C 46 -16.32 -13.30 -10.29
C ARG C 46 -15.28 -13.38 -9.17
N VAL C 47 -14.99 -12.25 -8.53
CA VAL C 47 -14.00 -12.22 -7.45
C VAL C 47 -14.67 -11.74 -6.16
N GLU C 48 -14.53 -12.53 -5.11
CA GLU C 48 -14.86 -12.13 -3.75
C GLU C 48 -13.62 -11.60 -3.09
N THR C 49 -13.74 -10.50 -2.34
CA THR C 49 -12.59 -9.90 -1.69
C THR C 49 -12.76 -9.92 -0.18
N GLN C 50 -11.66 -10.11 0.55
CA GLN C 50 -11.68 -10.08 2.01
C GLN C 50 -10.52 -9.21 2.49
N GLY C 51 -10.85 -8.12 3.14
CA GLY C 51 -9.84 -7.20 3.69
C GLY C 51 -10.31 -6.58 4.98
N SER C 52 -9.65 -5.49 5.39
CA SER C 52 -10.01 -4.89 6.66
C SER C 52 -11.43 -4.37 6.67
N ILE C 53 -11.95 -3.94 5.52
CA ILE C 53 -13.31 -3.47 5.39
C ILE C 53 -14.33 -4.59 5.55
N GLY C 54 -13.89 -5.86 5.55
CA GLY C 54 -14.78 -7.02 5.53
C GLY C 54 -14.79 -7.73 4.17
N ILE C 55 -15.83 -8.54 3.99
CA ILE C 55 -15.99 -9.35 2.78
C ILE C 55 -16.90 -8.62 1.81
N GLU C 56 -16.47 -8.47 0.56
CA GLU C 56 -17.29 -7.85 -0.46
C GLU C 56 -17.48 -8.80 -1.63
N ASN C 57 -18.65 -8.69 -2.28
CA ASN C 57 -18.93 -9.41 -3.52
C ASN C 57 -18.73 -10.91 -3.34
N ALA C 58 -19.28 -11.42 -2.23
CA ALA C 58 -19.13 -12.82 -1.88
C ALA C 58 -19.64 -13.72 -3.01
N LEU C 59 -18.89 -14.79 -3.26
CA LEU C 59 -19.34 -15.79 -4.22
C LEU C 59 -20.63 -16.43 -3.72
N THR C 60 -21.54 -16.70 -4.65
CA THR C 60 -22.74 -17.45 -4.30
C THR C 60 -22.51 -18.93 -4.53
N GLU C 61 -23.37 -19.75 -3.94
CA GLU C 61 -23.34 -21.18 -4.20
CA GLU C 61 -23.33 -21.18 -4.20
C GLU C 61 -23.45 -21.48 -5.69
N GLU C 62 -24.34 -20.77 -6.39
CA GLU C 62 -24.51 -21.00 -7.81
C GLU C 62 -23.26 -20.61 -8.60
N GLU C 63 -22.62 -19.50 -8.23
CA GLU C 63 -21.39 -19.14 -8.94
C GLU C 63 -20.31 -20.21 -8.75
N ILE C 64 -20.16 -20.72 -7.54
CA ILE C 64 -19.15 -21.76 -7.34
C ILE C 64 -19.53 -23.02 -8.09
N LYS C 65 -20.82 -23.39 -8.06
CA LYS C 65 -21.28 -24.55 -8.84
C LYS C 65 -20.89 -24.43 -10.31
N ASN C 66 -21.12 -23.26 -10.91
CA ASN C 66 -20.92 -23.12 -12.35
C ASN C 66 -19.47 -22.90 -12.77
N ALA C 67 -18.55 -22.67 -11.83
CA ALA C 67 -17.18 -22.37 -12.19
C ALA C 67 -16.41 -23.59 -12.67
N SER C 68 -15.52 -23.35 -13.62
CA SER C 68 -14.57 -24.36 -14.07
C SER C 68 -13.46 -24.57 -13.06
N VAL C 69 -13.02 -23.48 -12.42
CA VAL C 69 -11.92 -23.51 -11.46
CA VAL C 69 -11.90 -23.50 -11.50
C VAL C 69 -12.15 -22.45 -10.41
N VAL C 70 -11.54 -22.63 -9.25
CA VAL C 70 -11.57 -21.67 -8.14
C VAL C 70 -10.12 -21.25 -7.92
N ILE C 71 -9.86 -19.94 -7.92
CA ILE C 71 -8.52 -19.44 -7.61
C ILE C 71 -8.59 -18.76 -6.26
N LEU C 72 -7.73 -19.18 -5.33
CA LEU C 72 -7.69 -18.57 -4.00
C LEU C 72 -6.36 -17.86 -3.91
N ALA C 73 -6.39 -16.54 -3.89
CA ALA C 73 -5.19 -15.73 -3.74
C ALA C 73 -5.27 -15.20 -2.31
N VAL C 74 -4.63 -15.91 -1.37
CA VAL C 74 -4.88 -15.64 0.03
C VAL C 74 -3.59 -15.71 0.80
N ASP C 75 -3.52 -14.84 1.81
CA ASP C 75 -2.39 -14.82 2.75
C ASP C 75 -2.84 -15.17 4.16
N LYS C 76 -3.93 -15.89 4.29
CA LYS C 76 -4.49 -16.38 5.54
C LYS C 76 -5.36 -17.57 5.16
N ASP C 77 -5.66 -18.41 6.14
CA ASP C 77 -6.53 -19.55 5.87
C ASP C 77 -7.98 -19.09 5.80
N ILE C 78 -8.71 -19.57 4.78
CA ILE C 78 -10.15 -19.35 4.71
C ILE C 78 -10.80 -20.73 4.68
N ASP C 79 -12.05 -20.78 5.12
CA ASP C 79 -12.78 -22.05 5.05
C ASP C 79 -12.94 -22.48 3.60
N GLU C 80 -12.55 -23.72 3.30
CA GLU C 80 -12.59 -24.17 1.93
C GLU C 80 -13.67 -25.20 1.67
N LYS C 81 -14.53 -25.47 2.66
CA LYS C 81 -15.56 -26.50 2.49
C LYS C 81 -16.44 -26.20 1.28
N ARG C 82 -16.75 -24.92 1.06
CA ARG C 82 -17.62 -24.51 -0.02
C ARG C 82 -17.05 -24.78 -1.41
N PHE C 83 -15.76 -25.10 -1.52
CA PHE C 83 -15.10 -25.38 -2.79
C PHE C 83 -14.90 -26.89 -3.03
N GLU C 84 -15.42 -27.75 -2.16
CA GLU C 84 -15.30 -29.20 -2.37
C GLU C 84 -15.82 -29.60 -3.75
N GLY C 85 -15.06 -30.49 -4.40
CA GLY C 85 -15.43 -30.99 -5.73
C GLY C 85 -14.95 -30.13 -6.87
N LYS C 86 -14.37 -28.96 -6.58
CA LYS C 86 -13.88 -28.04 -7.59
C LYS C 86 -12.37 -28.15 -7.70
N ARG C 87 -11.83 -27.87 -8.88
CA ARG C 87 -10.40 -27.58 -8.99
C ARG C 87 -10.11 -26.27 -8.24
N VAL C 88 -9.17 -26.31 -7.30
CA VAL C 88 -8.86 -25.11 -6.53
C VAL C 88 -7.37 -24.86 -6.65
N TYR C 89 -7.00 -23.65 -7.08
CA TYR C 89 -5.60 -23.27 -7.18
C TYR C 89 -5.35 -22.19 -6.15
N LYS C 90 -4.50 -22.50 -5.16
CA LYS C 90 -4.27 -21.60 -4.04
C LYS C 90 -2.87 -21.03 -4.17
N VAL C 91 -2.78 -19.70 -4.16
CA VAL C 91 -1.52 -18.98 -4.28
C VAL C 91 -1.54 -17.81 -3.32
N SER C 92 -0.37 -17.22 -3.07
CA SER C 92 -0.31 -15.98 -2.27
C SER C 92 -0.82 -14.79 -3.06
N THR C 93 -1.18 -13.70 -2.37
CA THR C 93 -1.54 -12.52 -3.13
C THR C 93 -0.36 -11.99 -3.94
N VAL C 94 0.87 -12.02 -3.39
CA VAL C 94 2.01 -11.55 -4.15
C VAL C 94 2.14 -12.30 -5.47
N LYS C 95 1.98 -13.63 -5.45
CA LYS C 95 2.13 -14.38 -6.70
C LYS C 95 0.96 -14.11 -7.63
N ALA C 96 -0.24 -13.97 -7.10
CA ALA C 96 -1.38 -13.64 -7.96
C ALA C 96 -1.18 -12.28 -8.64
N ILE C 97 -0.58 -11.32 -7.94
CA ILE C 97 -0.37 -9.98 -8.49
C ILE C 97 0.74 -9.97 -9.52
N ASN C 98 1.84 -10.68 -9.26
CA ASN C 98 3.02 -10.60 -10.12
C ASN C 98 3.10 -11.69 -11.18
N ASN C 99 2.27 -12.74 -11.11
CA ASN C 99 2.35 -13.86 -12.03
CA ASN C 99 2.35 -13.86 -12.05
C ASN C 99 0.97 -14.21 -12.54
N THR C 100 0.13 -13.19 -12.77
CA THR C 100 -1.31 -13.43 -12.98
C THR C 100 -1.58 -14.28 -14.22
N GLU C 101 -0.89 -13.99 -15.32
CA GLU C 101 -1.16 -14.72 -16.55
C GLU C 101 -0.93 -16.22 -16.38
N ASN C 102 0.23 -16.59 -15.81
CA ASN C 102 0.52 -18.01 -15.60
C ASN C 102 -0.42 -18.65 -14.59
N ILE C 103 -0.79 -17.91 -13.54
CA ILE C 103 -1.64 -18.47 -12.50
CA ILE C 103 -1.63 -18.50 -12.51
C ILE C 103 -2.99 -18.84 -13.08
N ILE C 104 -3.55 -17.96 -13.91
CA ILE C 104 -4.85 -18.28 -14.48
CA ILE C 104 -4.84 -18.24 -14.53
C ILE C 104 -4.74 -19.50 -15.38
N LYS C 105 -3.67 -19.60 -16.18
CA LYS C 105 -3.53 -20.77 -17.04
C LYS C 105 -3.30 -22.04 -16.24
N GLU C 106 -2.49 -21.96 -15.18
CA GLU C 106 -2.18 -23.12 -14.34
C GLU C 106 -3.40 -23.61 -13.58
N SER C 107 -4.34 -22.72 -13.26
CA SER C 107 -5.45 -23.12 -12.41
C SER C 107 -6.25 -24.25 -13.03
N PHE C 108 -6.28 -24.33 -14.37
CA PHE C 108 -7.12 -25.36 -14.99
C PHE C 108 -6.54 -26.76 -14.85
N ASN C 109 -5.29 -26.88 -14.39
CA ASN C 109 -4.73 -28.18 -14.05
C ASN C 109 -4.57 -28.38 -12.56
N ALA C 110 -5.16 -27.50 -11.75
CA ALA C 110 -5.03 -27.59 -10.30
C ALA C 110 -5.80 -28.80 -9.78
N PRO C 111 -5.42 -29.30 -8.61
CA PRO C 111 -6.08 -30.50 -8.06
C PRO C 111 -7.50 -30.22 -7.63
N VAL C 112 -8.33 -31.26 -7.75
CA VAL C 112 -9.68 -31.16 -7.24
C VAL C 112 -9.65 -31.25 -5.73
N PHE C 113 -10.29 -30.28 -5.07
CA PHE C 113 -10.30 -30.19 -3.62
C PHE C 113 -11.41 -31.03 -2.98
N LYS D 10 26.02 21.12 18.07
CA LYS D 10 24.82 20.31 18.15
C LYS D 10 24.00 20.39 16.86
N ALA D 11 23.61 19.22 16.33
CA ALA D 11 22.76 19.19 15.15
C ALA D 11 21.43 19.88 15.44
N GLU D 12 20.92 20.57 14.43
CA GLU D 12 19.58 21.13 14.56
C GLU D 12 18.55 20.01 14.51
N LYS D 13 17.39 20.32 15.08
CA LYS D 13 16.32 19.34 15.28
C LYS D 13 15.17 19.66 14.34
N ILE D 14 14.64 18.62 13.67
CA ILE D 14 13.43 18.74 12.89
C ILE D 14 12.36 17.90 13.58
N VAL D 15 11.13 18.40 13.64
CA VAL D 15 9.99 17.57 14.02
C VAL D 15 9.04 17.52 12.84
N ALA D 16 8.34 16.40 12.74
CA ALA D 16 7.42 16.18 11.62
C ALA D 16 6.21 15.41 12.10
N VAL D 17 5.09 15.64 11.40
CA VAL D 17 3.91 14.79 11.52
C VAL D 17 3.61 14.26 10.12
N THR D 18 3.35 12.97 10.00
CA THR D 18 2.82 12.45 8.75
C THR D 18 1.42 11.93 9.00
N ALA D 19 0.50 12.23 8.07
CA ALA D 19 -0.92 11.91 8.30
C ALA D 19 -1.63 11.78 6.96
N CYS D 20 -1.84 10.53 6.57
CA CYS D 20 -2.72 10.18 5.46
C CYS D 20 -3.84 9.31 6.01
N PRO D 21 -5.12 9.66 5.75
CA PRO D 21 -6.22 8.93 6.37
C PRO D 21 -6.70 7.75 5.54
N VAL D 22 -5.82 7.17 4.73
CA VAL D 22 -6.04 5.89 4.08
C VAL D 22 -5.06 4.90 4.70
N GLY D 23 -5.58 3.95 5.48
CA GLY D 23 -4.74 2.92 6.05
C GLY D 23 -3.56 3.51 6.82
N VAL D 24 -2.40 2.86 6.66
CA VAL D 24 -1.17 3.31 7.31
C VAL D 24 -0.03 3.48 6.31
N ALA D 25 -0.19 3.07 5.04
CA ALA D 25 0.96 3.02 4.14
C ALA D 25 1.58 4.40 3.93
N HIS D 26 0.84 5.36 3.39
CA HIS D 26 1.48 6.64 3.09
C HIS D 26 2.02 7.28 4.36
N THR D 27 1.30 7.11 5.49
CA THR D 27 1.78 7.68 6.76
C THR D 27 3.16 7.12 7.09
N TYR D 28 3.34 5.79 6.97
CA TYR D 28 4.60 5.17 7.34
C TYR D 28 5.68 5.35 6.31
N ILE D 29 5.31 5.36 5.00
CA ILE D 29 6.31 5.59 3.97
C ILE D 29 6.85 7.00 4.10
N ALA D 30 5.95 8.00 4.24
CA ALA D 30 6.43 9.37 4.43
C ALA D 30 7.30 9.48 5.67
N ALA D 31 6.89 8.81 6.76
CA ALA D 31 7.69 8.92 7.99
C ALA D 31 9.09 8.37 7.78
N LYS D 32 9.20 7.18 7.17
CA LYS D 32 10.53 6.60 6.98
C LYS D 32 11.37 7.44 6.00
N LYS D 33 10.74 7.96 4.95
CA LYS D 33 11.50 8.77 3.99
C LYS D 33 12.03 10.04 4.66
N ILE D 34 11.19 10.68 5.47
CA ILE D 34 11.62 11.90 6.16
C ILE D 34 12.73 11.56 7.16
N GLU D 35 12.54 10.49 7.93
CA GLU D 35 13.56 10.08 8.94
C GLU D 35 14.91 9.83 8.26
N ASN D 36 14.90 9.04 7.19
CA ASN D 36 16.17 8.71 6.57
CA ASN D 36 16.17 8.71 6.54
C ASN D 36 16.83 9.94 5.95
N GLU D 37 16.03 10.81 5.29
CA GLU D 37 16.63 11.96 4.61
C GLU D 37 17.09 13.02 5.60
N ALA D 38 16.34 13.27 6.70
CA ALA D 38 16.82 14.20 7.73
C ALA D 38 18.14 13.75 8.28
N LYS D 39 18.27 12.46 8.59
CA LYS D 39 19.53 11.95 9.12
C LYS D 39 20.65 12.09 8.10
N LYS D 40 20.38 11.81 6.83
CA LYS D 40 21.40 11.92 5.80
C LYS D 40 21.93 13.34 5.72
N GLN D 41 21.07 14.33 5.95
CA GLN D 41 21.46 15.73 5.90
C GLN D 41 22.05 16.23 7.21
N GLY D 42 22.19 15.36 8.20
CA GLY D 42 22.82 15.70 9.47
C GLY D 42 21.91 16.22 10.55
N TYR D 43 20.59 16.09 10.39
CA TYR D 43 19.65 16.61 11.39
C TYR D 43 19.16 15.52 12.33
N SER D 44 18.80 15.93 13.53
CA SER D 44 18.07 15.09 14.45
C SER D 44 16.61 15.16 14.06
N ILE D 45 15.85 14.06 14.15
CA ILE D 45 14.49 14.05 13.60
C ILE D 45 13.58 13.25 14.51
N ARG D 46 12.37 13.79 14.75
CA ARG D 46 11.29 13.08 15.46
C ARG D 46 10.04 13.18 14.61
N VAL D 47 9.43 12.02 14.31
CA VAL D 47 8.23 11.97 13.46
C VAL D 47 7.07 11.35 14.25
N GLU D 48 5.98 12.08 14.35
CA GLU D 48 4.69 11.58 14.82
C GLU D 48 3.88 11.10 13.62
N THR D 49 3.22 9.95 13.76
CA THR D 49 2.48 9.37 12.62
C THR D 49 1.02 9.30 13.00
N GLN D 50 0.14 9.54 12.00
CA GLN D 50 -1.30 9.35 12.21
C GLN D 50 -1.84 8.51 11.07
N GLY D 51 -2.40 7.35 11.39
CA GLY D 51 -2.94 6.47 10.34
C GLY D 51 -4.09 5.67 10.91
N SER D 52 -4.55 4.63 10.20
CA SER D 52 -5.71 3.88 10.68
C SER D 52 -5.45 3.19 12.02
N ILE D 53 -4.19 2.85 12.31
CA ILE D 53 -3.81 2.19 13.55
C ILE D 53 -3.92 3.15 14.72
N GLY D 54 -3.98 4.44 14.41
CA GLY D 54 -4.04 5.51 15.40
C GLY D 54 -2.86 6.48 15.30
N ILE D 55 -2.62 7.22 16.39
CA ILE D 55 -1.53 8.19 16.44
C ILE D 55 -0.40 7.56 17.22
N GLU D 56 0.81 7.60 16.67
CA GLU D 56 1.96 6.97 17.33
C GLU D 56 3.13 7.94 17.42
N ASN D 57 3.91 7.80 18.52
CA ASN D 57 5.13 8.58 18.68
C ASN D 57 4.86 10.08 18.60
N ALA D 58 3.82 10.50 19.35
CA ALA D 58 3.38 11.89 19.30
C ALA D 58 4.47 12.83 19.77
N LEU D 59 4.55 13.96 19.10
CA LEU D 59 5.50 15.01 19.46
C LEU D 59 5.19 15.53 20.84
N THR D 60 6.25 15.76 21.61
CA THR D 60 6.01 16.40 22.89
C THR D 60 6.12 17.92 22.75
N GLU D 61 5.64 18.61 23.79
CA GLU D 61 5.80 20.06 23.83
CA GLU D 61 5.80 20.06 23.81
C GLU D 61 7.27 20.45 23.78
N GLU D 62 8.14 19.74 24.53
CA GLU D 62 9.56 20.05 24.51
C GLU D 62 10.19 19.80 23.14
N GLU D 63 9.76 18.72 22.46
CA GLU D 63 10.29 18.47 21.12
C GLU D 63 9.92 19.60 20.15
N ILE D 64 8.69 20.07 20.22
CA ILE D 64 8.30 21.16 19.34
C ILE D 64 9.05 22.44 19.70
N LYS D 65 9.17 22.71 21.01
CA LYS D 65 9.92 23.89 21.45
C LYS D 65 11.32 23.89 20.87
N ASN D 66 11.99 22.74 20.92
CA ASN D 66 13.40 22.73 20.55
C ASN D 66 13.63 22.63 19.05
N ALA D 67 12.57 22.42 18.24
CA ALA D 67 12.78 22.17 16.84
C ALA D 67 13.14 23.45 16.08
N SER D 68 13.97 23.31 15.04
CA SER D 68 14.19 24.45 14.15
C SER D 68 13.05 24.65 13.17
N VAL D 69 12.45 23.53 12.72
CA VAL D 69 11.35 23.57 11.77
CA VAL D 69 11.38 23.54 11.73
C VAL D 69 10.41 22.42 12.07
N VAL D 70 9.15 22.59 11.62
CA VAL D 70 8.10 21.58 11.68
C VAL D 70 7.75 21.23 10.23
N ILE D 71 7.78 19.95 9.88
CA ILE D 71 7.33 19.50 8.56
C ILE D 71 6.03 18.74 8.75
N LEU D 72 4.96 19.17 8.06
CA LEU D 72 3.69 18.46 8.11
C LEU D 72 3.46 17.84 6.74
N ALA D 73 3.57 16.52 6.67
CA ALA D 73 3.32 15.81 5.45
C ALA D 73 1.96 15.18 5.66
N VAL D 74 0.89 15.88 5.22
CA VAL D 74 -0.45 15.52 5.65
C VAL D 74 -1.39 15.64 4.47
N ASP D 75 -2.37 14.72 4.45
CA ASP D 75 -3.44 14.77 3.45
C ASP D 75 -4.79 14.98 4.14
N LYS D 76 -4.78 15.70 5.24
CA LYS D 76 -5.96 16.01 6.02
C LYS D 76 -5.56 17.18 6.89
N ASP D 77 -6.54 17.92 7.39
CA ASP D 77 -6.20 18.99 8.33
C ASP D 77 -5.84 18.41 9.68
N ILE D 78 -4.79 18.95 10.31
CA ILE D 78 -4.55 18.70 11.73
C ILE D 78 -4.49 20.07 12.40
N ASP D 79 -4.88 20.12 13.69
N ASP D 79 -4.89 20.10 13.66
CA ASP D 79 -4.82 21.37 14.46
CA ASP D 79 -4.75 21.28 14.50
C ASP D 79 -3.37 21.81 14.55
C ASP D 79 -3.32 21.77 14.50
N GLU D 80 -3.11 23.04 14.13
CA GLU D 80 -1.75 23.52 14.05
C GLU D 80 -1.42 24.41 15.21
N LYS D 81 -2.32 24.52 16.19
CA LYS D 81 -2.10 25.46 17.29
C LYS D 81 -0.81 25.15 18.01
N ARG D 82 -0.50 23.86 18.19
CA ARG D 82 0.74 23.50 18.91
C ARG D 82 2.00 23.93 18.18
N PHE D 83 1.92 24.32 16.91
CA PHE D 83 3.11 24.73 16.17
C PHE D 83 3.20 26.25 16.01
N GLU D 84 2.35 27.00 16.69
CA GLU D 84 2.43 28.46 16.64
C GLU D 84 3.84 28.92 16.98
N GLY D 85 4.31 29.92 16.22
CA GLY D 85 5.65 30.49 16.42
C GLY D 85 6.78 29.71 15.79
N LYS D 86 6.51 28.56 15.18
CA LYS D 86 7.52 27.75 14.49
C LYS D 86 7.40 27.96 13.00
N ARG D 87 8.52 27.78 12.30
CA ARG D 87 8.44 27.59 10.85
C ARG D 87 7.76 26.26 10.55
N VAL D 88 6.72 26.29 9.71
CA VAL D 88 5.97 25.09 9.42
C VAL D 88 5.92 24.95 7.90
N TYR D 89 6.36 23.81 7.40
CA TYR D 89 6.31 23.53 5.98
C TYR D 89 5.31 22.40 5.78
N LYS D 90 4.19 22.71 5.12
CA LYS D 90 3.12 21.74 4.95
C LYS D 90 3.11 21.27 3.50
N VAL D 91 3.15 19.95 3.33
CA VAL D 91 3.16 19.31 2.03
C VAL D 91 2.29 18.07 2.09
N SER D 92 1.92 17.55 0.91
CA SER D 92 1.18 16.30 0.86
C SER D 92 2.09 15.12 1.19
N THR D 93 1.48 13.97 1.55
CA THR D 93 2.32 12.78 1.74
C THR D 93 2.99 12.38 0.45
N VAL D 94 2.30 12.49 -0.71
CA VAL D 94 2.93 12.12 -1.96
C VAL D 94 4.18 12.94 -2.20
N LYS D 95 4.14 14.27 -1.97
CA LYS D 95 5.30 15.10 -2.20
C LYS D 95 6.40 14.79 -1.20
N ALA D 96 6.03 14.53 0.05
CA ALA D 96 7.06 14.19 1.05
C ALA D 96 7.77 12.88 0.70
N ILE D 97 7.04 11.92 0.12
CA ILE D 97 7.63 10.63 -0.24
C ILE D 97 8.54 10.74 -1.47
N ASN D 98 8.13 11.53 -2.46
CA ASN D 98 8.85 11.56 -3.73
C ASN D 98 9.81 12.72 -3.89
N ASN D 99 9.78 13.70 -3.00
CA ASN D 99 10.60 14.90 -3.13
C ASN D 99 11.30 15.20 -1.81
N THR D 100 11.68 14.16 -1.07
CA THR D 100 12.04 14.32 0.36
C THR D 100 13.25 15.23 0.56
N GLU D 101 14.30 15.03 -0.24
CA GLU D 101 15.52 15.86 -0.11
C GLU D 101 15.20 17.33 -0.22
N ASN D 102 14.43 17.71 -1.24
CA ASN D 102 14.12 19.13 -1.43
C ASN D 102 13.20 19.65 -0.34
N ILE D 103 12.27 18.82 0.14
CA ILE D 103 11.31 19.28 1.14
CA ILE D 103 11.33 19.31 1.13
C ILE D 103 12.03 19.59 2.44
N ILE D 104 12.97 18.72 2.84
CA ILE D 104 13.79 18.99 4.02
CA ILE D 104 13.73 19.03 4.04
C ILE D 104 14.52 20.32 3.86
N LYS D 105 15.17 20.50 2.71
CA LYS D 105 15.94 21.74 2.52
C LYS D 105 15.05 22.96 2.53
N GLU D 106 13.92 22.90 1.82
CA GLU D 106 13.00 24.04 1.74
C GLU D 106 12.35 24.37 3.08
N SER D 107 12.22 23.39 3.98
CA SER D 107 11.51 23.66 5.24
C SER D 107 12.16 24.78 6.04
N PHE D 108 13.48 24.91 5.95
CA PHE D 108 14.15 25.96 6.72
C PHE D 108 13.82 27.35 6.21
N ASN D 109 13.22 27.50 5.03
CA ASN D 109 12.74 28.79 4.56
C ASN D 109 11.24 28.92 4.64
N ALA D 110 10.56 27.98 5.31
CA ALA D 110 9.12 28.00 5.39
C ALA D 110 8.64 29.14 6.28
N PRO D 111 7.43 29.63 6.06
CA PRO D 111 6.92 30.73 6.88
C PRO D 111 6.63 30.33 8.32
N VAL D 112 6.79 31.30 9.21
CA VAL D 112 6.45 31.09 10.60
C VAL D 112 4.93 31.07 10.76
N PHE D 113 4.44 30.01 11.41
CA PHE D 113 3.00 29.82 11.59
C PHE D 113 2.40 30.60 12.78
N1 IMD E . 16.06 -11.39 24.93
C2 IMD E . 16.89 -10.35 24.66
N3 IMD E . 18.16 -10.83 24.58
C4 IMD E . 18.13 -12.17 24.79
C5 IMD E . 16.81 -12.53 25.02
CL CL F . 2.19 0.22 -2.77
N1 IMD G . -27.79 11.37 -12.54
C2 IMD G . -27.70 10.29 -13.36
N3 IMD G . -27.63 10.74 -14.64
C4 IMD G . -27.67 12.09 -14.62
C5 IMD G . -27.77 12.48 -13.30
N1 IMD H . -7.98 -25.33 -19.98
C2 IMD H . -8.65 -24.16 -20.18
N3 IMD H . -9.98 -24.39 -20.09
C4 IMD H . -10.16 -25.72 -19.85
C5 IMD H . -8.90 -26.30 -19.77
N1 IMD I . 19.47 25.50 7.07
C2 IMD I . 19.64 25.34 8.41
N3 IMD I . 19.31 26.50 9.02
C4 IMD I . 18.93 27.39 8.09
C5 IMD I . 19.03 26.76 6.85
#